data_1C39
#
_entry.id   1C39
#
_cell.length_a   42.840
_cell.length_b   79.310
_cell.length_c   55.570
_cell.angle_alpha   90.00
_cell.angle_beta   100.33
_cell.angle_gamma   90.00
#
_symmetry.space_group_name_H-M   'P 1 21 1'
#
loop_
_entity.id
_entity.type
_entity.pdbx_description
1 polymer 'CATION-DEPENDENT MANNOSE-6-PHOSPHATE RECEPTOR'
2 branched 2-acetamido-2-deoxy-beta-D-glucopyranose-(1-4)-2-acetamido-2-deoxy-beta-D-glucopyranose
3 branched 6-O-phosphono-alpha-D-mannopyranose-(1-3)-alpha-D-mannopyranose-(1-3)-alpha-D-mannopyranose
4 non-polymer 'MANGANESE (II) ION'
5 water water
#
_entity_poly.entity_id   1
_entity_poly.type   'polypeptide(L)'
_entity_poly.pdbx_seq_one_letter_code
;EKTCDLVGEKGKESEKELALLKRLTPLFQKSFESTVGQSPDMYSYVFRVCREAGQHSSGAGLVQIQKSNGKETVVGRFNE
TQIFQGSNWIMLIYKGGDEYDNHCGREQRRAVVMISCNRHTLADNFNPVSEERGKVQDCFYLFEMDSSLACS
;
_entity_poly.pdbx_strand_id   A,B
#
loop_
_chem_comp.id
_chem_comp.type
_chem_comp.name
_chem_comp.formula
M6P D-saccharide, alpha linking 6-O-phosphono-alpha-D-mannopyranose 'C6 H13 O9 P'
MAN D-saccharide, alpha linking alpha-D-mannopyranose 'C6 H12 O6'
MN non-polymer 'MANGANESE (II) ION' 'Mn 2'
NAG D-saccharide, beta linking 2-acetamido-2-deoxy-beta-D-glucopyranose 'C8 H15 N O6'
#
# COMPACT_ATOMS: atom_id res chain seq x y z
N GLU A 1 -20.59 13.50 -4.10
CA GLU A 1 -19.91 14.23 -5.22
C GLU A 1 -19.89 13.29 -6.41
N LYS A 2 -19.43 13.79 -7.56
CA LYS A 2 -19.35 12.98 -8.76
C LYS A 2 -18.06 12.16 -8.88
N THR A 3 -16.97 12.66 -8.30
CA THR A 3 -15.69 11.97 -8.42
C THR A 3 -14.92 11.67 -7.12
N CYS A 4 -13.73 11.10 -7.27
CA CYS A 4 -12.88 10.77 -6.13
C CYS A 4 -12.53 11.97 -5.27
N ASP A 5 -12.56 11.78 -3.95
CA ASP A 5 -12.22 12.84 -3.02
C ASP A 5 -10.94 12.41 -2.31
N LEU A 6 -9.93 13.27 -2.33
CA LEU A 6 -8.65 12.98 -1.71
C LEU A 6 -8.57 13.60 -0.32
N VAL A 7 -7.65 13.13 0.51
CA VAL A 7 -7.53 13.68 1.86
C VAL A 7 -7.03 15.13 1.79
N GLY A 8 -7.59 15.97 2.65
CA GLY A 8 -7.19 17.37 2.69
C GLY A 8 -8.27 18.27 2.14
N GLU A 9 -8.50 19.38 2.84
CA GLU A 9 -9.50 20.38 2.45
C GLU A 9 -9.13 20.87 1.05
N LYS A 10 -10.13 21.24 0.27
CA LYS A 10 -9.90 21.74 -1.09
C LYS A 10 -8.81 22.80 -1.08
N GLY A 11 -7.74 22.56 -1.83
CA GLY A 11 -6.64 23.49 -1.89
C GLY A 11 -5.42 22.96 -1.16
N LYS A 12 -5.65 22.06 -0.21
CA LYS A 12 -4.56 21.45 0.55
C LYS A 12 -4.38 19.98 0.16
N GLU A 13 -4.75 19.65 -1.07
CA GLU A 13 -4.63 18.28 -1.57
C GLU A 13 -3.30 18.09 -2.29
N SER A 14 -2.83 16.85 -2.36
CA SER A 14 -1.58 16.56 -3.03
C SER A 14 -1.66 16.77 -4.54
N GLU A 15 -0.72 17.54 -5.08
CA GLU A 15 -0.66 17.77 -6.52
C GLU A 15 -0.36 16.45 -7.23
N LYS A 16 0.35 15.55 -6.55
CA LYS A 16 0.69 14.24 -7.10
C LYS A 16 -0.56 13.39 -7.28
N GLU A 17 -1.39 13.31 -6.24
CA GLU A 17 -2.60 12.52 -6.30
C GLU A 17 -3.58 13.07 -7.34
N LEU A 18 -3.74 14.40 -7.37
CA LEU A 18 -4.64 15.06 -8.32
C LEU A 18 -4.24 14.71 -9.74
N ALA A 19 -2.95 14.79 -10.04
CA ALA A 19 -2.44 14.46 -11.37
C ALA A 19 -2.73 12.99 -11.73
N LEU A 20 -2.63 12.11 -10.74
CA LEU A 20 -2.89 10.68 -10.97
C LEU A 20 -4.36 10.40 -11.29
N LEU A 21 -5.26 11.11 -10.62
CA LEU A 21 -6.70 10.94 -10.89
C LEU A 21 -6.99 11.34 -12.33
N LYS A 22 -6.41 12.46 -12.77
CA LYS A 22 -6.60 12.92 -14.13
C LYS A 22 -6.07 11.87 -15.11
N ARG A 23 -4.95 11.25 -14.79
CA ARG A 23 -4.36 10.23 -15.65
C ARG A 23 -5.29 9.05 -15.84
N LEU A 24 -6.08 8.73 -14.83
CA LEU A 24 -7.01 7.60 -14.89
C LEU A 24 -8.39 7.93 -15.42
N THR A 25 -8.57 9.17 -15.88
CA THR A 25 -9.86 9.60 -16.41
C THR A 25 -10.49 8.66 -17.44
N PRO A 26 -9.70 8.10 -18.38
CA PRO A 26 -10.29 7.20 -19.37
C PRO A 26 -11.03 6.01 -18.78
N LEU A 27 -10.72 5.64 -17.54
CA LEU A 27 -11.34 4.49 -16.90
C LEU A 27 -12.66 4.78 -16.18
N PHE A 28 -12.91 6.05 -15.85
CA PHE A 28 -14.11 6.44 -15.12
C PHE A 28 -15.42 5.85 -15.64
N GLN A 29 -15.62 5.88 -16.96
CA GLN A 29 -16.85 5.35 -17.53
C GLN A 29 -16.95 3.84 -17.61
N LYS A 30 -15.91 3.14 -17.18
CA LYS A 30 -15.92 1.69 -17.24
C LYS A 30 -16.40 1.05 -15.94
N SER A 31 -16.74 -0.23 -16.02
CA SER A 31 -17.20 -1.00 -14.88
C SER A 31 -16.47 -2.34 -14.96
N PHE A 32 -16.06 -2.86 -13.81
CA PHE A 32 -15.34 -4.13 -13.79
C PHE A 32 -15.98 -5.03 -12.73
N GLU A 33 -16.11 -6.31 -13.03
CA GLU A 33 -16.70 -7.23 -12.07
C GLU A 33 -16.02 -8.59 -12.14
N SER A 34 -16.09 -9.33 -11.05
CA SER A 34 -15.51 -10.66 -10.97
C SER A 34 -16.23 -11.44 -9.89
N THR A 35 -16.62 -12.66 -10.22
CA THR A 35 -17.31 -13.52 -9.28
C THR A 35 -16.30 -14.57 -8.85
N VAL A 36 -16.16 -14.77 -7.54
CA VAL A 36 -15.20 -15.73 -6.99
C VAL A 36 -15.75 -16.48 -5.79
N GLY A 37 -15.11 -17.60 -5.45
CA GLY A 37 -15.50 -18.41 -4.31
C GLY A 37 -16.69 -19.31 -4.51
N GLN A 38 -16.86 -20.27 -3.61
CA GLN A 38 -17.98 -21.21 -3.67
C GLN A 38 -18.85 -21.04 -2.43
N SER A 39 -20.10 -21.49 -2.52
CA SER A 39 -21.03 -21.38 -1.41
C SER A 39 -20.45 -21.86 -0.08
N PRO A 40 -20.87 -21.21 1.02
CA PRO A 40 -21.82 -20.09 1.01
C PRO A 40 -21.13 -18.73 0.86
N ASP A 41 -19.90 -18.73 0.32
CA ASP A 41 -19.15 -17.49 0.16
C ASP A 41 -18.84 -17.10 -1.28
N MET A 42 -19.80 -17.29 -2.18
CA MET A 42 -19.59 -16.89 -3.56
C MET A 42 -19.94 -15.41 -3.59
N TYR A 43 -19.02 -14.61 -4.11
CA TYR A 43 -19.23 -13.17 -4.16
C TYR A 43 -19.05 -12.62 -5.57
N SER A 44 -19.64 -11.46 -5.80
CA SER A 44 -19.53 -10.77 -7.06
C SER A 44 -18.99 -9.39 -6.68
N TYR A 45 -17.79 -9.08 -7.14
CA TYR A 45 -17.16 -7.80 -6.85
C TYR A 45 -17.32 -6.85 -8.01
N VAL A 46 -17.83 -5.66 -7.73
CA VAL A 46 -18.03 -4.64 -8.76
C VAL A 46 -17.16 -3.44 -8.38
N PHE A 47 -16.26 -3.09 -9.28
CA PHE A 47 -15.31 -2.00 -9.09
C PHE A 47 -15.41 -0.94 -10.18
N ARG A 48 -15.38 0.32 -9.77
CA ARG A 48 -15.42 1.44 -10.71
C ARG A 48 -14.42 2.47 -10.20
N VAL A 49 -13.80 3.20 -11.13
CA VAL A 49 -12.82 4.21 -10.76
C VAL A 49 -13.53 5.56 -10.62
N CYS A 50 -13.60 6.05 -9.38
CA CYS A 50 -14.23 7.34 -9.05
C CYS A 50 -15.70 7.52 -9.44
N ARG A 51 -16.42 6.42 -9.56
CA ARG A 51 -17.83 6.47 -9.92
C ARG A 51 -18.58 5.45 -9.10
N GLU A 52 -19.88 5.68 -8.91
CA GLU A 52 -20.73 4.80 -8.12
C GLU A 52 -20.80 3.38 -8.69
N ALA A 53 -20.50 2.40 -7.86
CA ALA A 53 -20.52 1.00 -8.28
C ALA A 53 -21.65 0.21 -7.59
N GLY A 54 -22.35 0.86 -6.68
CA GLY A 54 -23.44 0.21 -5.98
C GLY A 54 -24.80 0.63 -6.48
N GLN A 55 -25.86 0.26 -5.75
CA GLN A 55 -27.22 0.59 -6.14
C GLN A 55 -27.96 1.37 -5.07
N HIS A 56 -27.24 1.96 -4.13
CA HIS A 56 -27.90 2.72 -3.08
C HIS A 56 -27.39 4.15 -2.95
N SER A 57 -26.69 4.63 -3.98
CA SER A 57 -26.16 5.98 -4.01
C SER A 57 -25.39 6.33 -2.73
N SER A 58 -24.63 5.37 -2.22
CA SER A 58 -23.86 5.60 -0.99
C SER A 58 -22.43 6.04 -1.24
N GLY A 59 -22.03 6.11 -2.51
CA GLY A 59 -20.68 6.52 -2.86
C GLY A 59 -19.69 5.37 -2.86
N ALA A 60 -20.19 4.17 -3.08
CA ALA A 60 -19.36 2.97 -3.10
C ALA A 60 -18.50 2.90 -4.35
N GLY A 61 -17.20 2.72 -4.17
CA GLY A 61 -16.29 2.61 -5.30
C GLY A 61 -16.09 1.15 -5.67
N LEU A 62 -16.38 0.28 -4.71
CA LEU A 62 -16.25 -1.17 -4.91
C LEU A 62 -17.21 -1.84 -3.94
N VAL A 63 -18.02 -2.75 -4.45
CA VAL A 63 -18.99 -3.47 -3.62
C VAL A 63 -18.84 -4.97 -3.77
N GLN A 64 -19.34 -5.68 -2.78
CA GLN A 64 -19.29 -7.14 -2.75
C GLN A 64 -20.73 -7.62 -2.64
N ILE A 65 -21.14 -8.49 -3.54
CA ILE A 65 -22.50 -9.00 -3.51
C ILE A 65 -22.56 -10.49 -3.19
N GLN A 66 -23.18 -10.80 -2.04
CA GLN A 66 -23.36 -12.17 -1.59
C GLN A 66 -24.32 -12.80 -2.60
N LYS A 67 -23.81 -13.63 -3.49
CA LYS A 67 -24.67 -14.27 -4.49
C LYS A 67 -25.84 -15.03 -3.88
N SER A 68 -25.59 -15.69 -2.74
CA SER A 68 -26.62 -16.46 -2.04
C SER A 68 -27.87 -15.66 -1.72
N ASN A 69 -27.71 -14.53 -1.04
CA ASN A 69 -28.85 -13.70 -0.65
C ASN A 69 -28.89 -12.30 -1.25
N GLY A 70 -28.14 -12.08 -2.33
CA GLY A 70 -28.12 -10.77 -2.98
C GLY A 70 -27.78 -9.62 -2.06
N LYS A 71 -26.92 -9.87 -1.08
CA LYS A 71 -26.52 -8.84 -0.14
C LYS A 71 -25.40 -8.00 -0.74
N GLU A 72 -25.55 -6.69 -0.71
CA GLU A 72 -24.54 -5.78 -1.25
C GLU A 72 -23.79 -5.11 -0.11
N THR A 73 -22.49 -5.34 -0.05
CA THR A 73 -21.66 -4.77 0.98
C THR A 73 -20.65 -3.82 0.34
N VAL A 74 -20.55 -2.62 0.89
CA VAL A 74 -19.61 -1.63 0.40
C VAL A 74 -18.24 -1.96 0.98
N VAL A 75 -17.30 -2.26 0.09
CA VAL A 75 -15.93 -2.59 0.48
C VAL A 75 -15.12 -1.30 0.65
N GLY A 76 -15.44 -0.30 -0.17
CA GLY A 76 -14.75 0.98 -0.10
C GLY A 76 -15.51 2.08 -0.82
N ARG A 77 -15.36 3.31 -0.34
CA ARG A 77 -16.03 4.47 -0.92
C ARG A 77 -15.03 5.42 -1.57
N PHE A 78 -15.37 5.90 -2.76
CA PHE A 78 -14.47 6.79 -3.48
C PHE A 78 -14.30 8.19 -2.89
N ASN A 79 -15.06 8.51 -1.84
CA ASN A 79 -14.92 9.82 -1.21
C ASN A 79 -13.75 9.79 -0.21
N GLU A 80 -13.15 8.60 -0.04
CA GLU A 80 -11.99 8.41 0.83
C GLU A 80 -10.93 7.67 -0.01
N THR A 81 -10.41 8.37 -1.01
CA THR A 81 -9.44 7.82 -1.94
C THR A 81 -8.00 8.23 -1.69
N GLN A 82 -7.10 7.28 -1.86
CA GLN A 82 -5.66 7.52 -1.74
C GLN A 82 -5.11 6.87 -3.00
N ILE A 83 -4.14 7.51 -3.63
CA ILE A 83 -3.58 6.96 -4.86
C ILE A 83 -2.13 7.38 -5.05
N PHE A 84 -1.29 6.43 -5.42
CA PHE A 84 0.13 6.70 -5.64
C PHE A 84 0.72 5.68 -6.62
N GLN A 85 1.87 6.00 -7.20
CA GLN A 85 2.48 5.10 -8.17
C GLN A 85 3.95 4.82 -8.00
N GLY A 86 4.36 3.70 -8.56
CA GLY A 86 5.75 3.29 -8.53
C GLY A 86 6.28 3.42 -9.93
N SER A 87 7.20 2.55 -10.32
CA SER A 87 7.78 2.63 -11.65
C SER A 87 6.90 2.06 -12.75
N ASN A 88 6.08 1.06 -12.42
CA ASN A 88 5.21 0.43 -13.40
C ASN A 88 3.95 -0.11 -12.73
N TRP A 89 3.45 0.65 -11.76
CA TRP A 89 2.26 0.25 -11.04
C TRP A 89 1.65 1.48 -10.35
N ILE A 90 0.37 1.36 -10.03
CA ILE A 90 -0.37 2.42 -9.35
C ILE A 90 -1.21 1.68 -8.33
N MET A 91 -1.28 2.19 -7.11
CA MET A 91 -2.12 1.55 -6.11
C MET A 91 -3.25 2.51 -5.75
N LEU A 92 -4.49 2.03 -5.85
CA LEU A 92 -5.67 2.84 -5.55
C LEU A 92 -6.27 2.26 -4.28
N ILE A 93 -6.63 3.11 -3.34
CA ILE A 93 -7.20 2.64 -2.08
C ILE A 93 -8.49 3.38 -1.74
N TYR A 94 -9.57 2.61 -1.54
CA TYR A 94 -10.87 3.18 -1.14
C TYR A 94 -11.12 2.78 0.32
N LYS A 95 -11.13 3.74 1.23
CA LYS A 95 -11.40 3.45 2.62
C LYS A 95 -12.89 3.73 2.86
N GLY A 96 -13.33 3.65 4.12
CA GLY A 96 -14.72 3.94 4.44
C GLY A 96 -15.79 2.96 4.04
N GLY A 97 -15.45 1.70 3.87
CA GLY A 97 -16.45 0.71 3.51
C GLY A 97 -17.32 0.39 4.73
N ASP A 98 -18.24 -0.55 4.56
CA ASP A 98 -19.13 -0.95 5.66
C ASP A 98 -18.32 -1.62 6.76
N GLU A 99 -18.71 -1.38 8.01
CA GLU A 99 -18.02 -1.95 9.17
C GLU A 99 -18.15 -3.47 9.28
N TYR A 100 -17.07 -4.10 9.72
CA TYR A 100 -17.08 -5.54 9.94
C TYR A 100 -17.91 -5.76 11.20
N ASP A 101 -18.42 -6.96 11.37
CA ASP A 101 -19.24 -7.27 12.55
C ASP A 101 -18.50 -8.10 13.58
N ASN A 102 -17.89 -9.21 13.15
CA ASN A 102 -17.17 -10.09 14.05
C ASN A 102 -15.72 -10.26 13.60
N HIS A 103 -15.13 -9.18 13.11
CA HIS A 103 -13.75 -9.22 12.64
C HIS A 103 -13.11 -7.84 12.71
N CYS A 104 -11.78 -7.83 12.68
CA CYS A 104 -10.98 -6.62 12.66
C CYS A 104 -11.41 -5.48 13.57
N GLY A 105 -11.91 -5.82 14.75
CA GLY A 105 -12.34 -4.79 15.68
C GLY A 105 -13.46 -3.90 15.17
N ARG A 106 -14.34 -4.49 14.37
CA ARG A 106 -15.49 -3.77 13.80
C ARG A 106 -15.12 -2.54 13.00
N GLU A 107 -13.95 -2.55 12.37
CA GLU A 107 -13.54 -1.39 11.57
C GLU A 107 -14.22 -1.43 10.20
N GLN A 108 -14.20 -0.28 9.53
CA GLN A 108 -14.79 -0.15 8.21
C GLN A 108 -13.92 -0.92 7.21
N ARG A 109 -14.55 -1.51 6.21
CA ARG A 109 -13.80 -2.25 5.20
C ARG A 109 -13.01 -1.26 4.36
N ARG A 110 -12.00 -1.76 3.65
CA ARG A 110 -11.16 -0.95 2.79
C ARG A 110 -10.78 -1.79 1.59
N ALA A 111 -10.72 -1.15 0.44
CA ALA A 111 -10.37 -1.82 -0.81
C ALA A 111 -9.01 -1.34 -1.29
N VAL A 112 -8.12 -2.29 -1.57
CA VAL A 112 -6.78 -1.97 -2.08
C VAL A 112 -6.67 -2.58 -3.47
N VAL A 113 -6.42 -1.74 -4.47
CA VAL A 113 -6.30 -2.22 -5.85
C VAL A 113 -4.91 -1.93 -6.41
N MET A 114 -4.23 -2.99 -6.82
CA MET A 114 -2.90 -2.86 -7.41
C MET A 114 -3.07 -2.91 -8.92
N ILE A 115 -2.74 -1.82 -9.59
CA ILE A 115 -2.87 -1.75 -11.03
C ILE A 115 -1.49 -1.90 -11.65
N SER A 116 -1.25 -3.02 -12.31
CA SER A 116 0.04 -3.26 -12.93
C SER A 116 0.10 -2.81 -14.38
N CYS A 117 1.27 -2.38 -14.81
CA CYS A 117 1.48 -1.94 -16.18
C CYS A 117 1.37 -3.09 -17.18
N ASN A 118 0.56 -2.87 -18.21
CA ASN A 118 0.35 -3.85 -19.29
C ASN A 118 0.06 -3.03 -20.53
N ARG A 119 1.09 -2.86 -21.36
CA ARG A 119 0.97 -2.07 -22.59
C ARG A 119 -0.05 -2.53 -23.61
N HIS A 120 -0.61 -3.73 -23.44
CA HIS A 120 -1.55 -4.28 -24.40
C HIS A 120 -3.03 -4.04 -24.12
N THR A 121 -3.33 -3.37 -23.01
CA THR A 121 -4.72 -3.13 -22.69
C THR A 121 -4.90 -1.87 -21.86
N LEU A 122 -6.01 -1.18 -22.10
CA LEU A 122 -6.31 0.03 -21.37
C LEU A 122 -6.74 -0.37 -19.96
N ALA A 123 -7.42 -1.51 -19.87
CA ALA A 123 -7.91 -2.03 -18.60
C ALA A 123 -8.44 -3.44 -18.83
N ASP A 124 -7.91 -4.41 -18.10
CA ASP A 124 -8.35 -5.79 -18.24
C ASP A 124 -7.84 -6.64 -17.07
N ASN A 125 -8.43 -7.82 -16.92
CA ASN A 125 -8.02 -8.79 -15.89
C ASN A 125 -8.19 -8.36 -14.44
N PHE A 126 -9.33 -7.78 -14.13
CA PHE A 126 -9.63 -7.37 -12.75
C PHE A 126 -10.01 -8.64 -12.01
N ASN A 127 -9.40 -8.88 -10.86
CA ASN A 127 -9.75 -10.05 -10.07
C ASN A 127 -9.35 -9.93 -8.62
N PRO A 128 -10.23 -10.39 -7.72
CA PRO A 128 -10.02 -10.38 -6.28
C PRO A 128 -8.91 -11.35 -5.95
N VAL A 129 -7.87 -10.84 -5.28
CA VAL A 129 -6.72 -11.65 -4.90
C VAL A 129 -6.95 -12.33 -3.55
N SER A 130 -7.25 -11.55 -2.52
CA SER A 130 -7.48 -12.12 -1.20
C SER A 130 -8.08 -11.11 -0.25
N GLU A 131 -8.51 -11.60 0.91
CA GLU A 131 -9.05 -10.73 1.95
C GLU A 131 -8.37 -11.05 3.26
N GLU A 132 -7.79 -10.02 3.87
CA GLU A 132 -7.13 -10.15 5.16
C GLU A 132 -8.11 -9.64 6.20
N ARG A 133 -8.69 -10.56 6.95
CA ARG A 133 -9.65 -10.21 8.00
C ARG A 133 -9.22 -10.79 9.35
N GLY A 134 -8.01 -11.34 9.41
CA GLY A 134 -7.52 -11.93 10.65
C GLY A 134 -6.65 -11.07 11.55
N LYS A 135 -6.69 -9.75 11.36
CA LYS A 135 -5.91 -8.81 12.15
C LYS A 135 -6.83 -8.06 13.10
N VAL A 136 -6.26 -7.42 14.11
CA VAL A 136 -7.04 -6.66 15.08
C VAL A 136 -7.42 -5.31 14.51
N GLN A 137 -6.71 -4.92 13.45
CA GLN A 137 -6.95 -3.67 12.77
C GLN A 137 -6.18 -3.71 11.46
N ASP A 138 -6.43 -2.73 10.60
CA ASP A 138 -5.79 -2.63 9.29
C ASP A 138 -6.05 -3.80 8.34
N CYS A 139 -7.27 -4.33 8.38
CA CYS A 139 -7.64 -5.40 7.48
C CYS A 139 -7.89 -4.76 6.10
N PHE A 140 -8.13 -5.58 5.08
CA PHE A 140 -8.39 -5.07 3.73
C PHE A 140 -8.70 -6.16 2.73
N TYR A 141 -9.26 -5.75 1.59
CA TYR A 141 -9.55 -6.65 0.48
C TYR A 141 -8.55 -6.22 -0.58
N LEU A 142 -7.90 -7.17 -1.23
CA LEU A 142 -6.90 -6.84 -2.24
C LEU A 142 -7.37 -7.31 -3.61
N PHE A 143 -7.19 -6.43 -4.60
CA PHE A 143 -7.60 -6.72 -5.97
C PHE A 143 -6.46 -6.33 -6.89
N GLU A 144 -6.41 -6.94 -8.06
CA GLU A 144 -5.40 -6.63 -9.06
C GLU A 144 -6.09 -6.39 -10.40
N MET A 145 -5.43 -5.62 -11.25
CA MET A 145 -5.96 -5.29 -12.57
C MET A 145 -4.80 -4.80 -13.43
N ASP A 146 -4.92 -4.98 -14.75
CA ASP A 146 -3.89 -4.54 -15.68
C ASP A 146 -4.34 -3.26 -16.37
N SER A 147 -3.38 -2.40 -16.69
CA SER A 147 -3.69 -1.17 -17.39
C SER A 147 -2.42 -0.55 -17.94
N SER A 148 -2.50 -0.09 -19.19
CA SER A 148 -1.36 0.54 -19.84
C SER A 148 -1.12 1.90 -19.19
N LEU A 149 -2.10 2.39 -18.45
CA LEU A 149 -1.99 3.68 -17.79
C LEU A 149 -0.98 3.67 -16.65
N ALA A 150 -0.67 2.47 -16.12
CA ALA A 150 0.28 2.35 -15.02
C ALA A 150 1.71 2.23 -15.52
N CYS A 151 1.92 2.33 -16.83
CA CYS A 151 3.25 2.22 -17.40
C CYS A 151 3.92 3.58 -17.45
N SER A 152 5.15 3.65 -16.96
CA SER A 152 5.93 4.89 -16.95
C SER A 152 7.23 4.66 -17.72
N GLU B 1 17.51 -11.16 20.94
CA GLU B 1 17.44 -10.80 19.49
C GLU B 1 16.08 -10.15 19.20
N LYS B 2 16.06 -9.23 18.25
CA LYS B 2 14.82 -8.56 17.89
C LYS B 2 14.45 -8.90 16.46
N THR B 3 13.23 -8.53 16.07
CA THR B 3 12.73 -8.81 14.73
C THR B 3 11.53 -7.89 14.46
N CYS B 4 10.93 -8.03 13.27
CA CYS B 4 9.78 -7.22 12.92
C CYS B 4 8.63 -7.53 13.84
N ASP B 5 7.91 -6.50 14.24
CA ASP B 5 6.77 -6.70 15.11
C ASP B 5 5.53 -6.35 14.30
N LEU B 6 4.54 -7.23 14.35
CA LEU B 6 3.30 -7.02 13.62
C LEU B 6 2.23 -6.44 14.54
N VAL B 7 1.18 -5.87 13.96
CA VAL B 7 0.11 -5.27 14.76
C VAL B 7 -0.67 -6.35 15.52
N GLY B 8 -0.95 -6.08 16.79
CA GLY B 8 -1.69 -7.03 17.61
C GLY B 8 -0.80 -7.78 18.57
N GLU B 9 -1.37 -8.25 19.68
CA GLU B 9 -0.64 -8.98 20.71
C GLU B 9 -0.29 -10.38 20.18
N LYS B 10 0.74 -11.00 20.75
CA LYS B 10 1.14 -12.34 20.34
C LYS B 10 -0.06 -13.26 20.59
N GLY B 11 -0.38 -14.08 19.59
CA GLY B 11 -1.51 -14.97 19.70
C GLY B 11 -2.64 -14.50 18.82
N LYS B 12 -2.69 -13.19 18.58
CA LYS B 12 -3.73 -12.61 17.72
C LYS B 12 -3.13 -11.82 16.55
N GLU B 13 -1.97 -12.24 16.08
CA GLU B 13 -1.31 -11.58 14.95
C GLU B 13 -1.71 -12.36 13.71
N SER B 14 -1.65 -11.70 12.56
CA SER B 14 -2.02 -12.34 11.31
C SER B 14 -1.09 -13.47 10.94
N GLU B 15 -1.65 -14.66 10.77
CA GLU B 15 -0.86 -15.83 10.39
C GLU B 15 -0.30 -15.56 9.00
N LYS B 16 -1.04 -14.78 8.21
CA LYS B 16 -0.62 -14.43 6.86
C LYS B 16 0.68 -13.62 6.91
N GLU B 17 0.68 -12.57 7.72
CA GLU B 17 1.86 -11.72 7.86
C GLU B 17 3.02 -12.52 8.45
N LEU B 18 2.74 -13.30 9.50
CA LEU B 18 3.75 -14.13 10.16
C LEU B 18 4.46 -15.00 9.14
N ALA B 19 3.68 -15.58 8.24
CA ALA B 19 4.22 -16.45 7.19
C ALA B 19 5.07 -15.64 6.21
N LEU B 20 4.63 -14.44 5.89
CA LEU B 20 5.38 -13.61 4.96
C LEU B 20 6.74 -13.20 5.51
N LEU B 21 6.80 -12.91 6.81
CA LEU B 21 8.07 -12.55 7.45
C LEU B 21 9.07 -13.70 7.33
N LYS B 22 8.62 -14.93 7.60
CA LYS B 22 9.48 -16.09 7.50
C LYS B 22 10.01 -16.23 6.09
N ARG B 23 9.17 -15.92 5.11
CA ARG B 23 9.56 -16.02 3.71
C ARG B 23 10.71 -15.07 3.41
N LEU B 24 10.75 -13.94 4.11
CA LEU B 24 11.81 -12.94 3.90
C LEU B 24 13.05 -13.14 4.77
N THR B 25 13.07 -14.20 5.57
CA THR B 25 14.21 -14.49 6.45
C THR B 25 15.59 -14.38 5.78
N PRO B 26 15.75 -14.92 4.56
CA PRO B 26 17.06 -14.84 3.88
C PRO B 26 17.63 -13.42 3.75
N LEU B 27 16.75 -12.42 3.73
CA LEU B 27 17.18 -11.03 3.58
C LEU B 27 17.58 -10.33 4.89
N PHE B 28 17.23 -10.92 6.03
CA PHE B 28 17.54 -10.33 7.32
C PHE B 28 19.00 -9.91 7.53
N GLN B 29 19.93 -10.73 7.05
CA GLN B 29 21.34 -10.40 7.22
C GLN B 29 21.95 -9.49 6.15
N LYS B 30 21.11 -8.97 5.27
CA LYS B 30 21.59 -8.08 4.22
C LYS B 30 21.33 -6.60 4.53
N SER B 31 22.11 -5.73 3.92
CA SER B 31 21.98 -4.30 4.10
C SER B 31 21.88 -3.67 2.72
N PHE B 32 21.00 -2.67 2.58
CA PHE B 32 20.80 -1.99 1.32
C PHE B 32 20.98 -0.50 1.50
N GLU B 33 21.63 0.12 0.52
CA GLU B 33 21.91 1.55 0.58
C GLU B 33 21.77 2.15 -0.82
N SER B 34 21.42 3.43 -0.88
CA SER B 34 21.29 4.17 -2.14
C SER B 34 21.35 5.66 -1.81
N THR B 35 22.21 6.38 -2.53
CA THR B 35 22.37 7.82 -2.32
C THR B 35 21.70 8.53 -3.49
N VAL B 36 20.84 9.49 -3.18
CA VAL B 36 20.11 10.23 -4.20
C VAL B 36 19.98 11.71 -3.88
N GLY B 37 19.48 12.46 -4.85
CA GLY B 37 19.27 13.88 -4.67
C GLY B 37 20.47 14.74 -5.01
N GLN B 38 20.27 16.04 -4.92
CA GLN B 38 21.32 17.00 -5.21
C GLN B 38 21.40 17.90 -4.00
N SER B 39 22.60 18.35 -3.67
CA SER B 39 22.80 19.23 -2.51
C SER B 39 21.80 20.39 -2.56
N PRO B 40 21.32 20.84 -1.38
CA PRO B 40 21.66 20.34 -0.05
C PRO B 40 20.78 19.16 0.39
N ASP B 41 19.96 18.66 -0.52
CA ASP B 41 19.05 17.55 -0.22
C ASP B 41 19.57 16.19 -0.68
N MET B 42 20.88 15.98 -0.56
CA MET B 42 21.46 14.69 -0.94
C MET B 42 21.35 13.80 0.28
N TYR B 43 20.75 12.63 0.09
CA TYR B 43 20.53 11.69 1.18
C TYR B 43 21.04 10.29 0.87
N SER B 44 21.39 9.58 1.94
CA SER B 44 21.82 8.21 1.83
C SER B 44 20.75 7.42 2.59
N TYR B 45 20.08 6.50 1.90
CA TYR B 45 19.04 5.70 2.53
C TYR B 45 19.55 4.30 2.80
N VAL B 46 19.44 3.85 4.05
CA VAL B 46 19.88 2.51 4.41
C VAL B 46 18.64 1.73 4.84
N PHE B 47 18.43 0.59 4.20
CA PHE B 47 17.29 -0.27 4.46
C PHE B 47 17.70 -1.65 4.96
N ARG B 48 16.98 -2.15 5.96
CA ARG B 48 17.23 -3.47 6.52
C ARG B 48 15.88 -4.12 6.82
N VAL B 49 15.79 -5.42 6.58
CA VAL B 49 14.55 -6.15 6.83
C VAL B 49 14.58 -6.76 8.23
N CYS B 50 13.78 -6.20 9.13
CA CYS B 50 13.66 -6.67 10.51
C CYS B 50 14.94 -6.61 11.32
N ARG B 51 15.83 -5.69 10.94
CA ARG B 51 17.11 -5.52 11.63
C ARG B 51 17.45 -4.02 11.68
N GLU B 52 18.25 -3.65 12.67
CA GLU B 52 18.67 -2.26 12.85
C GLU B 52 19.45 -1.74 11.64
N ALA B 53 18.94 -0.66 11.05
CA ALA B 53 19.59 -0.05 9.89
C ALA B 53 20.33 1.21 10.32
N GLY B 54 20.04 1.68 11.52
CA GLY B 54 20.69 2.88 12.02
C GLY B 54 21.86 2.63 12.95
N GLN B 55 22.60 3.69 13.24
CA GLN B 55 23.76 3.60 14.12
C GLN B 55 23.49 4.31 15.44
N HIS B 56 22.27 4.14 15.96
CA HIS B 56 21.87 4.75 17.22
C HIS B 56 20.88 3.89 18.01
N SER B 57 20.70 2.64 17.57
CA SER B 57 19.80 1.70 18.23
C SER B 57 18.39 2.23 18.47
N SER B 58 17.86 2.97 17.50
CA SER B 58 16.51 3.52 17.60
C SER B 58 15.47 2.50 17.15
N GLY B 59 15.92 1.35 16.68
CA GLY B 59 14.99 0.33 16.20
C GLY B 59 14.52 0.70 14.81
N ALA B 60 15.39 1.38 14.06
CA ALA B 60 15.10 1.82 12.72
C ALA B 60 15.27 0.73 11.67
N GLY B 61 14.28 0.58 10.81
CA GLY B 61 14.36 -0.41 9.74
C GLY B 61 14.86 0.29 8.47
N LEU B 62 14.73 1.60 8.43
CA LEU B 62 15.18 2.39 7.30
C LEU B 62 15.54 3.79 7.80
N VAL B 63 16.73 4.26 7.45
CA VAL B 63 17.16 5.58 7.86
C VAL B 63 17.56 6.42 6.67
N GLN B 64 17.56 7.73 6.89
CA GLN B 64 17.93 8.71 5.89
C GLN B 64 19.05 9.55 6.47
N ILE B 65 20.21 9.48 5.85
CA ILE B 65 21.37 10.23 6.30
C ILE B 65 21.57 11.44 5.41
N GLN B 66 21.58 12.61 6.00
CA GLN B 66 21.78 13.84 5.25
C GLN B 66 23.29 13.98 5.03
N LYS B 67 23.71 13.77 3.79
CA LYS B 67 25.12 13.83 3.43
C LYS B 67 25.91 15.06 3.85
N SER B 68 25.24 16.19 3.99
CA SER B 68 25.92 17.43 4.38
C SER B 68 26.36 17.47 5.84
N ASN B 69 25.47 17.16 6.76
CA ASN B 69 25.79 17.21 8.18
C ASN B 69 25.79 15.86 8.89
N GLY B 70 25.60 14.79 8.13
CA GLY B 70 25.59 13.45 8.72
C GLY B 70 24.42 13.19 9.66
N LYS B 71 23.43 14.08 9.64
CA LYS B 71 22.26 13.96 10.50
C LYS B 71 21.43 12.75 10.03
N GLU B 72 21.23 11.80 10.95
CA GLU B 72 20.47 10.58 10.65
C GLU B 72 19.01 10.72 11.07
N THR B 73 18.09 10.46 10.15
CA THR B 73 16.67 10.55 10.42
C THR B 73 16.02 9.19 10.22
N VAL B 74 15.20 8.77 11.17
CA VAL B 74 14.51 7.49 11.08
C VAL B 74 13.25 7.64 10.23
N VAL B 75 13.20 6.89 9.14
CA VAL B 75 12.06 6.91 8.23
C VAL B 75 10.97 5.96 8.71
N GLY B 76 11.39 4.83 9.28
CA GLY B 76 10.43 3.86 9.76
C GLY B 76 11.07 2.88 10.71
N ARG B 77 10.32 2.40 11.68
CA ARG B 77 10.81 1.45 12.66
C ARG B 77 10.22 0.08 12.42
N PHE B 78 11.05 -0.96 12.53
CA PHE B 78 10.58 -2.32 12.30
C PHE B 78 9.70 -2.92 13.39
N ASN B 79 9.47 -2.18 14.47
CA ASN B 79 8.61 -2.68 15.53
C ASN B 79 7.17 -2.31 15.17
N GLU B 80 7.01 -1.62 14.04
CA GLU B 80 5.70 -1.22 13.52
C GLU B 80 5.67 -1.59 12.04
N THR B 81 5.64 -2.89 11.80
CA THR B 81 5.66 -3.44 10.46
C THR B 81 4.32 -3.96 9.97
N GLN B 82 4.11 -3.80 8.66
CA GLN B 82 2.93 -4.32 7.98
C GLN B 82 3.52 -4.95 6.71
N ILE B 83 2.96 -6.06 6.29
CA ILE B 83 3.45 -6.74 5.11
C ILE B 83 2.38 -7.59 4.47
N PHE B 84 2.27 -7.50 3.14
CA PHE B 84 1.30 -8.27 2.37
C PHE B 84 1.82 -8.46 0.95
N GLN B 85 1.20 -9.37 0.20
CA GLN B 85 1.66 -9.67 -1.14
C GLN B 85 0.54 -9.84 -2.16
N GLY B 86 0.91 -9.69 -3.43
CA GLY B 86 -0.02 -9.87 -4.52
C GLY B 86 0.56 -11.01 -5.34
N SER B 87 0.26 -11.05 -6.63
CA SER B 87 0.76 -12.12 -7.49
C SER B 87 2.27 -12.21 -7.61
N ASN B 88 2.91 -11.10 -7.98
CA ASN B 88 4.35 -11.11 -8.13
C ASN B 88 4.99 -9.92 -7.44
N TRP B 89 4.46 -9.55 -6.29
CA TRP B 89 4.98 -8.43 -5.51
C TRP B 89 4.65 -8.57 -4.04
N ILE B 90 5.44 -7.92 -3.21
CA ILE B 90 5.25 -7.90 -1.77
C ILE B 90 5.48 -6.47 -1.32
N MET B 91 4.58 -5.95 -0.50
CA MET B 91 4.75 -4.59 -0.01
C MET B 91 5.04 -4.64 1.49
N LEU B 92 6.10 -3.96 1.89
CA LEU B 92 6.53 -3.91 3.27
C LEU B 92 6.40 -2.47 3.72
N ILE B 93 5.82 -2.25 4.91
CA ILE B 93 5.67 -0.90 5.43
C ILE B 93 6.20 -0.80 6.86
N TYR B 94 7.01 0.23 7.12
CA TYR B 94 7.55 0.51 8.45
C TYR B 94 6.95 1.85 8.85
N LYS B 95 6.23 1.89 9.96
CA LYS B 95 5.67 3.15 10.43
C LYS B 95 6.48 3.57 11.65
N GLY B 96 6.04 4.60 12.34
CA GLY B 96 6.74 5.05 13.53
C GLY B 96 8.10 5.71 13.35
N GLY B 97 8.30 6.39 12.23
CA GLY B 97 9.54 7.08 12.01
C GLY B 97 9.53 8.41 12.77
N ASP B 98 10.59 9.20 12.65
CA ASP B 98 10.66 10.50 13.33
C ASP B 98 9.60 11.44 12.76
N GLU B 99 9.06 12.31 13.61
CA GLU B 99 8.03 13.24 13.20
C GLU B 99 8.48 14.37 12.29
N TYR B 100 7.61 14.77 11.36
CA TYR B 100 7.89 15.88 10.47
C TYR B 100 7.71 17.10 11.37
N ASP B 101 8.35 18.22 11.03
CA ASP B 101 8.20 19.42 11.83
C ASP B 101 7.33 20.47 11.12
N ASN B 102 7.44 20.55 9.79
CA ASN B 102 6.68 21.54 9.03
C ASN B 102 5.91 20.94 7.87
N HIS B 103 5.57 19.66 7.96
CA HIS B 103 4.84 18.97 6.89
C HIS B 103 3.94 17.91 7.48
N CYS B 104 2.98 17.46 6.69
CA CYS B 104 2.09 16.36 7.06
C CYS B 104 1.45 16.36 8.46
N GLY B 105 1.13 17.54 8.99
CA GLY B 105 0.52 17.60 10.30
C GLY B 105 1.43 17.07 11.40
N ARG B 106 2.74 17.15 11.19
CA ARG B 106 3.73 16.68 12.14
C ARG B 106 3.65 15.19 12.44
N GLU B 107 3.06 14.40 11.54
CA GLU B 107 2.93 12.98 11.79
C GLU B 107 4.29 12.29 11.68
N GLN B 108 4.35 11.04 12.14
CA GLN B 108 5.58 10.27 12.08
C GLN B 108 5.85 9.85 10.64
N ARG B 109 7.12 9.82 10.24
CA ARG B 109 7.45 9.42 8.87
C ARG B 109 7.16 7.92 8.72
N ARG B 110 7.09 7.45 7.48
CA ARG B 110 6.84 6.04 7.22
C ARG B 110 7.50 5.63 5.92
N ALA B 111 7.91 4.36 5.85
CA ALA B 111 8.55 3.81 4.67
C ALA B 111 7.70 2.74 4.02
N VAL B 112 7.53 2.84 2.71
CA VAL B 112 6.75 1.87 1.93
C VAL B 112 7.74 1.28 0.94
N VAL B 113 7.93 -0.04 0.99
CA VAL B 113 8.85 -0.70 0.08
C VAL B 113 8.11 -1.71 -0.79
N MET B 114 8.15 -1.47 -2.10
CA MET B 114 7.50 -2.33 -3.07
C MET B 114 8.57 -3.27 -3.59
N ILE B 115 8.39 -4.56 -3.32
CA ILE B 115 9.33 -5.60 -3.74
C ILE B 115 8.77 -6.37 -4.91
N SER B 116 9.39 -6.24 -6.07
CA SER B 116 8.93 -6.92 -7.27
C SER B 116 9.67 -8.23 -7.55
N CYS B 117 8.96 -9.18 -8.14
CA CYS B 117 9.54 -10.48 -8.49
C CYS B 117 10.59 -10.38 -9.58
N ASN B 118 11.73 -11.01 -9.33
CA ASN B 118 12.85 -11.06 -10.26
C ASN B 118 13.61 -12.34 -9.95
N ARG B 119 13.31 -13.40 -10.70
CA ARG B 119 13.93 -14.70 -10.48
C ARG B 119 15.45 -14.79 -10.63
N HIS B 120 16.07 -13.74 -11.14
CA HIS B 120 17.52 -13.75 -11.34
C HIS B 120 18.33 -13.29 -10.13
N THR B 121 17.67 -12.74 -9.11
CA THR B 121 18.40 -12.27 -7.93
C THR B 121 17.58 -12.42 -6.65
N LEU B 122 18.29 -12.70 -5.55
CA LEU B 122 17.67 -12.86 -4.25
C LEU B 122 17.27 -11.50 -3.68
N ALA B 123 18.06 -10.48 -4.01
CA ALA B 123 17.82 -9.12 -3.55
C ALA B 123 18.72 -8.16 -4.30
N ASP B 124 18.14 -7.15 -4.95
CA ASP B 124 18.95 -6.21 -5.71
C ASP B 124 18.13 -4.99 -6.16
N ASN B 125 18.83 -3.95 -6.59
CA ASN B 125 18.22 -2.73 -7.11
C ASN B 125 17.34 -1.93 -6.13
N PHE B 126 17.83 -1.76 -4.90
CA PHE B 126 17.09 -0.99 -3.90
C PHE B 126 17.15 0.44 -4.42
N ASN B 127 16.00 1.08 -4.57
CA ASN B 127 15.97 2.43 -5.12
C ASN B 127 14.88 3.33 -4.55
N PRO B 128 15.26 4.51 -4.02
CA PRO B 128 14.33 5.50 -3.44
C PRO B 128 13.57 6.11 -4.60
N VAL B 129 12.26 5.88 -4.66
CA VAL B 129 11.45 6.39 -5.75
C VAL B 129 10.98 7.84 -5.54
N SER B 130 10.44 8.14 -4.38
CA SER B 130 9.94 9.48 -4.12
C SER B 130 9.49 9.65 -2.67
N GLU B 131 9.16 10.87 -2.32
CA GLU B 131 8.67 11.19 -1.00
C GLU B 131 7.44 12.06 -1.17
N GLU B 132 6.32 11.61 -0.60
CA GLU B 132 5.10 12.38 -0.65
C GLU B 132 5.01 13.13 0.68
N ARG B 133 5.26 14.42 0.65
CA ARG B 133 5.20 15.22 1.88
C ARG B 133 4.29 16.44 1.70
N GLY B 134 3.42 16.37 0.70
CA GLY B 134 2.52 17.49 0.44
C GLY B 134 1.07 17.23 0.81
N LYS B 135 0.84 16.31 1.73
CA LYS B 135 -0.51 15.98 2.17
C LYS B 135 -0.68 16.39 3.62
N VAL B 136 -1.93 16.53 4.07
CA VAL B 136 -2.22 16.91 5.44
C VAL B 136 -1.98 15.76 6.42
N GLN B 137 -1.90 14.55 5.88
CA GLN B 137 -1.65 13.33 6.64
C GLN B 137 -1.37 12.24 5.61
N ASP B 138 -0.94 11.08 6.09
CA ASP B 138 -0.65 9.94 5.25
C ASP B 138 0.44 10.15 4.20
N CYS B 139 1.50 10.83 4.62
CA CYS B 139 2.64 11.08 3.78
C CYS B 139 3.46 9.80 3.86
N PHE B 140 4.50 9.70 3.03
CA PHE B 140 5.33 8.50 3.04
C PHE B 140 6.52 8.61 2.10
N TYR B 141 7.50 7.74 2.32
CA TYR B 141 8.67 7.64 1.45
C TYR B 141 8.44 6.32 0.73
N LEU B 142 8.63 6.31 -0.59
CA LEU B 142 8.44 5.11 -1.40
C LEU B 142 9.79 4.59 -1.92
N PHE B 143 10.00 3.29 -1.80
CA PHE B 143 11.23 2.64 -2.27
C PHE B 143 10.86 1.39 -3.06
N GLU B 144 11.72 0.99 -3.98
CA GLU B 144 11.47 -0.21 -4.77
C GLU B 144 12.67 -1.14 -4.69
N MET B 145 12.44 -2.44 -4.86
CA MET B 145 13.52 -3.42 -4.79
C MET B 145 13.10 -4.70 -5.54
N ASP B 146 14.08 -5.42 -6.09
CA ASP B 146 13.85 -6.67 -6.81
C ASP B 146 14.26 -7.84 -5.91
N SER B 147 13.55 -8.96 -6.02
CA SER B 147 13.83 -10.14 -5.22
C SER B 147 13.08 -11.35 -5.73
N SER B 148 13.77 -12.49 -5.79
CA SER B 148 13.18 -13.74 -6.25
C SER B 148 12.09 -14.20 -5.27
N LEU B 149 12.23 -13.79 -4.00
CA LEU B 149 11.27 -14.16 -2.96
C LEU B 149 9.86 -13.64 -3.21
N ALA B 150 9.75 -12.58 -4.01
CA ALA B 150 8.46 -11.98 -4.33
C ALA B 150 7.78 -12.72 -5.47
N CYS B 151 8.45 -13.74 -6.01
CA CYS B 151 7.92 -14.53 -7.11
C CYS B 151 7.01 -15.63 -6.59
N SER B 152 5.80 -15.70 -7.13
CA SER B 152 4.83 -16.71 -6.72
C SER B 152 4.60 -17.72 -7.84
C1 NAG C . -17.96 9.37 2.65
C2 NAG C . -17.89 10.12 3.97
C3 NAG C . -18.76 9.44 5.03
C4 NAG C . -20.20 9.33 4.48
C5 NAG C . -20.17 8.56 3.14
C6 NAG C . -21.57 8.46 2.53
C7 NAG C . -15.79 11.36 4.29
C8 NAG C . -14.35 11.30 4.77
N2 NAG C . -16.49 10.22 4.39
O3 NAG C . -18.74 10.24 6.19
O4 NAG C . -21.10 8.60 5.35
O5 NAG C . -19.30 9.22 2.20
O6 NAG C . -22.43 9.44 3.05
O7 NAG C . -16.28 12.41 3.84
C1 NAG C . -20.98 8.62 6.74
C2 NAG C . -21.74 9.82 7.44
C3 NAG C . -22.39 9.39 8.73
C4 NAG C . -23.28 8.14 8.54
C5 NAG C . -22.58 7.05 7.76
C6 NAG C . -23.62 6.03 7.26
C7 NAG C . -21.62 12.15 6.67
C8 NAG C . -20.68 13.26 6.20
N2 NAG C . -21.02 10.99 6.98
O3 NAG C . -23.10 10.43 9.39
O4 NAG C . -23.81 7.73 9.79
O5 NAG C . -22.06 7.64 6.54
O6 NAG C . -22.98 5.04 6.49
O7 NAG C . -22.84 12.34 6.74
C1 NAG D . 8.44 1.21 18.61
C2 NAG D . 7.35 1.49 19.64
C3 NAG D . 7.42 2.95 20.10
C4 NAG D . 8.83 3.22 20.62
C5 NAG D . 9.86 2.92 19.52
C6 NAG D . 11.29 3.16 19.99
C7 NAG D . 5.47 -0.05 19.24
C8 NAG D . 4.11 -0.22 18.58
N2 NAG D . 6.05 1.15 19.07
O3 NAG D . 6.46 3.15 21.13
O4 NAG D . 8.96 4.59 21.05
O5 NAG D . 9.74 1.55 19.09
O6 NAG D . 11.52 2.49 21.21
O7 NAG D . 5.99 -0.98 19.89
C1 NAG D . 9.28 4.83 22.37
C2 NAG D . 9.94 6.23 22.61
C3 NAG D . 9.50 6.85 23.92
C4 NAG D . 7.97 6.84 24.08
C5 NAG D . 7.34 5.52 23.73
C6 NAG D . 5.83 5.69 23.52
C7 NAG D . 11.36 6.80 20.69
C8 NAG D . 12.75 6.62 20.07
N2 NAG D . 11.19 6.17 21.87
O3 NAG D . 10.05 8.14 24.16
O4 NAG D . 7.63 7.35 25.36
O5 NAG D . 7.85 5.12 22.42
O6 NAG D . 5.20 4.43 23.43
O7 NAG D . 10.48 7.47 20.13
C1 MAN E . -26.76 -13.41 6.58
C2 MAN E . -25.36 -13.30 5.93
C3 MAN E . -24.24 -13.30 7.00
C4 MAN E . -24.48 -12.16 8.01
C5 MAN E . -25.89 -12.36 8.68
C6 MAN E . -26.25 -11.25 9.69
O1 MAN E . -26.97 -14.72 7.10
O2 MAN E . -25.30 -12.10 5.16
O3 MAN E . -22.95 -13.15 6.38
O4 MAN E . -23.45 -12.16 9.00
O5 MAN E . -26.92 -12.40 7.65
O6 MAN E . -26.08 -9.95 9.13
C1 MAN E . -21.83 -13.91 6.89
C2 MAN E . -20.51 -13.25 6.43
C3 MAN E . -20.32 -13.41 4.90
C4 MAN E . -20.34 -14.90 4.54
C5 MAN E . -21.70 -15.51 4.98
C6 MAN E . -21.83 -17.02 4.69
O2 MAN E . -19.42 -13.84 7.12
O3 MAN E . -19.07 -12.82 4.49
O4 MAN E . -20.16 -15.07 3.14
O5 MAN E . -21.89 -15.30 6.42
O6 MAN E . -20.78 -17.75 5.30
C1 M6P E . -19.05 -11.37 4.39
C2 M6P E . -17.99 -10.92 3.38
C3 M6P E . -16.57 -11.29 3.89
C4 M6P E . -16.35 -10.58 5.23
C5 M6P E . -17.42 -11.05 6.22
C6 M6P E . -17.36 -10.34 7.55
O2 M6P E . -18.06 -9.49 3.30
O3 M6P E . -15.59 -10.88 2.95
O4 M6P E . -15.05 -10.88 5.75
O5 M6P E . -18.76 -10.77 5.68
O6 M6P E . -18.25 -10.95 8.46
P M6P E . -18.45 -10.36 9.91
O1P M6P E . -17.02 -10.28 10.66
O2P M6P E . -19.05 -8.88 9.75
O3P M6P E . -19.49 -11.26 10.74
C1 MAN F . 19.87 21.81 9.10
C2 MAN F . 18.81 21.01 8.13
C3 MAN F . 17.34 21.08 8.60
C4 MAN F . 17.19 20.68 10.03
C5 MAN F . 18.08 21.63 10.91
C6 MAN F . 17.97 21.25 12.39
O1 MAN F . 20.00 23.18 8.79
O2 MAN F . 19.19 19.62 8.12
O3 MAN F . 16.51 20.23 7.78
O4 MAN F . 15.77 20.77 10.35
O5 MAN F . 19.44 21.42 10.44
O6 MAN F . 16.63 21.38 12.82
C1 MAN F . 15.73 20.61 6.62
C2 MAN F . 14.99 19.37 6.06
C3 MAN F . 15.97 18.41 5.30
C4 MAN F . 16.62 19.20 4.17
C5 MAN F . 17.40 20.40 4.79
C6 MAN F . 18.11 21.29 3.75
O2 MAN F . 13.95 19.81 5.22
O3 MAN F . 15.26 17.26 4.75
O4 MAN F . 17.50 18.34 3.46
O5 MAN F . 16.50 21.26 5.54
O6 MAN F . 17.25 21.56 2.67
C1 M6P F . 14.38 16.70 5.66
C2 M6P F . 14.17 15.29 5.05
C3 M6P F . 13.06 15.31 4.01
C4 M6P F . 11.79 15.76 4.72
C5 M6P F . 12.07 17.14 5.33
C6 M6P F . 10.91 17.66 6.09
O2 M6P F . 13.84 14.39 6.11
O3 M6P F . 12.86 14.04 3.44
O4 M6P F . 10.72 15.82 3.81
O5 M6P F . 13.17 17.10 6.25
O6 M6P F . 11.15 18.42 7.15
P M6P F . 10.35 19.20 8.24
O1P M6P F . 10.65 18.54 9.66
O2P M6P F . 10.78 20.74 8.24
O3P M6P F . 8.78 19.03 7.94
MN MN G . -21.02 -9.17 7.49
MN MN H . 12.54 18.40 10.89
#